data_9HLP
#
_entry.id   9HLP
#
_cell.length_a   85.198
_cell.length_b   85.198
_cell.length_c   91.102
_cell.angle_alpha   90.00
_cell.angle_beta   90.00
_cell.angle_gamma   120.00
#
_symmetry.space_group_name_H-M   'P 31 2 1'
#
loop_
_entity.id
_entity.type
_entity.pdbx_description
1 polymer 'Telomeric repeat-binding factor 1'
2 non-polymer GLYCEROL
3 non-polymer 1-piperidin-4-ylindole
4 non-polymer 'DIMETHYL SULFOXIDE'
5 water water
#
_entity_poly.entity_id   1
_entity_poly.type   'polypeptide(L)'
_entity_poly.pdbx_seq_one_letter_code
;SNAQVQVGAPEEEEEEEEDAGLVAEAEAVAAGWMLDFLCLSLCRAFRDGRSEDFRRTRNSAEAIIHGLSSLTACQLRTIY
ICQFLTRIAAGKTLDAQFENDERITPLESALMIWGSIEKEHDKLHEEIQNLIKIQAIAVCMENGNFKEAEEVFERIFGDP
NSHMPFKSKLLMIISQKDTFHSFFQHFSYNHMMEKIKSYVNYVLSEKSSTFLMKAAAKVVESKR
;
_entity_poly.pdbx_strand_id   A
#
loop_
_chem_comp.id
_chem_comp.type
_chem_comp.name
_chem_comp.formula
A1IV7 non-polymer 1-piperidin-4-ylindole 'C13 H16 N2'
DMS non-polymer 'DIMETHYL SULFOXIDE' 'C2 H6 O S'
GOL non-polymer GLYCEROL 'C3 H8 O3'
#
# COMPACT_ATOMS: atom_id res chain seq x y z
N GLU A 17 -39.93 11.24 14.93
CA GLU A 17 -39.20 12.39 14.43
C GLU A 17 -37.84 12.01 13.78
N GLU A 18 -37.68 10.74 13.35
CA GLU A 18 -36.41 10.31 12.74
C GLU A 18 -36.56 9.89 11.27
N ASP A 19 -35.74 10.48 10.38
CA ASP A 19 -35.78 10.10 8.97
C ASP A 19 -34.61 9.17 8.68
N ALA A 20 -34.92 7.91 8.34
CA ALA A 20 -33.96 6.86 8.03
C ALA A 20 -32.99 7.21 6.90
N GLY A 21 -33.47 7.97 5.91
CA GLY A 21 -32.63 8.39 4.80
C GLY A 21 -31.59 9.40 5.24
N LEU A 22 -31.96 10.30 6.17
CA LEU A 22 -31.03 11.29 6.69
C LEU A 22 -30.01 10.67 7.65
N VAL A 23 -30.43 9.64 8.38
CA VAL A 23 -29.57 8.90 9.28
C VAL A 23 -28.56 8.10 8.44
N ALA A 24 -29.01 7.48 7.33
CA ALA A 24 -28.13 6.74 6.41
C ALA A 24 -27.10 7.69 5.80
N GLU A 25 -27.50 8.94 5.51
CA GLU A 25 -26.60 9.96 4.98
C GLU A 25 -25.56 10.37 6.02
N ALA A 26 -25.98 10.54 7.29
CA ALA A 26 -25.10 10.91 8.40
C ALA A 26 -24.07 9.80 8.65
N GLU A 27 -24.47 8.54 8.47
CA GLU A 27 -23.56 7.41 8.64
C GLU A 27 -22.55 7.34 7.51
N ALA A 28 -22.96 7.68 6.28
CA ALA A 28 -22.04 7.69 5.14
C ALA A 28 -21.01 8.86 5.27
N VAL A 29 -21.44 10.00 5.85
CA VAL A 29 -20.54 11.14 6.07
C VAL A 29 -19.46 10.72 7.08
N ALA A 30 -19.89 10.11 8.19
CA ALA A 30 -19.03 9.63 9.25
C ALA A 30 -18.07 8.56 8.76
N ALA A 31 -18.54 7.67 7.86
CA ALA A 31 -17.70 6.61 7.26
C ALA A 31 -16.61 7.23 6.40
N GLY A 32 -16.94 8.30 5.66
CA GLY A 32 -15.99 9.02 4.84
C GLY A 32 -14.88 9.63 5.68
N TRP A 33 -15.24 10.19 6.87
CA TRP A 33 -14.30 10.77 7.83
C TRP A 33 -13.43 9.66 8.44
N MET A 34 -14.06 8.54 8.83
CA MET A 34 -13.32 7.43 9.44
C MET A 34 -12.32 6.84 8.44
N LEU A 35 -12.69 6.79 7.14
CA LEU A 35 -11.81 6.30 6.08
C LEU A 35 -10.52 7.12 5.99
N ASP A 36 -10.64 8.45 5.95
CA ASP A 36 -9.47 9.32 5.86
C ASP A 36 -8.62 9.20 7.09
N PHE A 37 -9.24 9.10 8.27
CA PHE A 37 -8.52 9.00 9.53
C PHE A 37 -7.72 7.72 9.57
N LEU A 38 -8.33 6.60 9.12
CA LEU A 38 -7.67 5.30 9.13
C LEU A 38 -6.58 5.22 8.04
N CYS A 39 -6.72 5.95 6.94
CA CYS A 39 -5.68 5.96 5.89
C CYS A 39 -4.44 6.67 6.45
N LEU A 40 -4.64 7.77 7.18
CA LEU A 40 -3.55 8.49 7.83
C LEU A 40 -2.86 7.61 8.85
N SER A 41 -3.63 6.90 9.65
CA SER A 41 -3.08 6.03 10.68
C SER A 41 -2.34 4.86 10.04
N LEU A 42 -2.85 4.32 8.92
CA LEU A 42 -2.19 3.23 8.22
C LEU A 42 -0.85 3.72 7.64
N CYS A 43 -0.81 4.97 7.12
CA CYS A 43 0.37 5.63 6.56
C CYS A 43 1.47 5.83 7.61
N ARG A 44 1.12 6.32 8.80
CA ARG A 44 2.10 6.52 9.87
C ARG A 44 2.64 5.19 10.40
N ALA A 45 1.78 4.16 10.50
CA ALA A 45 2.23 2.84 10.96
C ALA A 45 3.21 2.24 9.97
N PHE A 46 2.94 2.41 8.67
CA PHE A 46 3.81 1.91 7.60
C PHE A 46 5.16 2.64 7.65
N ARG A 47 5.11 3.97 7.79
CA ARG A 47 6.31 4.81 7.87
C ARG A 47 7.17 4.49 9.11
N ASP A 48 6.54 4.32 10.28
CA ASP A 48 7.23 4.03 11.56
C ASP A 48 7.59 2.56 11.76
N GLY A 49 7.12 1.68 10.88
CA GLY A 49 7.40 0.25 11.00
C GLY A 49 6.63 -0.40 12.14
N ARG A 50 5.49 0.18 12.53
CA ARG A 50 4.68 -0.38 13.61
C ARG A 50 3.74 -1.47 13.03
N SER A 51 4.23 -2.72 12.93
CA SER A 51 3.55 -3.86 12.34
C SER A 51 2.16 -4.19 12.90
N GLU A 52 2.04 -4.31 14.23
CA GLU A 52 0.79 -4.66 14.85
C GLU A 52 -0.21 -3.52 14.76
N ASP A 53 0.26 -2.27 14.84
CA ASP A 53 -0.61 -1.11 14.69
C ASP A 53 -1.12 -1.06 13.23
N PHE A 54 -0.25 -1.40 12.24
CA PHE A 54 -0.59 -1.47 10.82
C PHE A 54 -1.68 -2.52 10.62
N ARG A 55 -1.50 -3.71 11.20
CA ARG A 55 -2.46 -4.80 11.09
C ARG A 55 -3.82 -4.41 11.67
N ARG A 56 -3.81 -3.74 12.83
CA ARG A 56 -5.06 -3.30 13.46
C ARG A 56 -5.76 -2.22 12.66
N THR A 57 -5.01 -1.22 12.18
CA THR A 57 -5.56 -0.14 11.39
C THR A 57 -6.12 -0.66 10.04
N ARG A 58 -5.46 -1.64 9.43
CA ARG A 58 -5.87 -2.24 8.17
CA ARG A 58 -5.88 -2.24 8.17
C ARG A 58 -7.22 -2.95 8.34
N ASN A 59 -7.38 -3.67 9.45
CA ASN A 59 -8.63 -4.36 9.74
C ASN A 59 -9.75 -3.38 9.93
N SER A 60 -9.50 -2.26 10.65
CA SER A 60 -10.52 -1.25 10.85
C SER A 60 -10.88 -0.55 9.55
N ALA A 61 -9.89 -0.29 8.69
CA ALA A 61 -10.11 0.39 7.42
C ALA A 61 -10.97 -0.53 6.55
N GLU A 62 -10.62 -1.82 6.48
CA GLU A 62 -11.35 -2.76 5.66
C GLU A 62 -12.79 -2.90 6.13
N ALA A 63 -13.04 -2.88 7.44
CA ALA A 63 -14.39 -2.98 7.98
C ALA A 63 -15.20 -1.71 7.67
N ILE A 64 -14.61 -0.52 7.90
CA ILE A 64 -15.29 0.77 7.64
C ILE A 64 -15.63 0.94 6.15
N ILE A 65 -14.74 0.46 5.28
CA ILE A 65 -14.91 0.54 3.83
C ILE A 65 -16.17 -0.24 3.38
N HIS A 66 -16.56 -1.30 4.13
CA HIS A 66 -17.80 -2.06 3.86
C HIS A 66 -19.05 -1.25 4.13
N GLY A 67 -18.97 -0.25 5.01
CA GLY A 67 -20.10 0.63 5.31
C GLY A 67 -20.32 1.71 4.26
N LEU A 68 -19.63 1.59 3.12
CA LEU A 68 -19.73 2.51 1.97
C LEU A 68 -20.04 1.66 0.73
N SER A 69 -21.04 2.07 -0.06
CA SER A 69 -21.39 1.34 -1.29
C SER A 69 -21.16 2.17 -2.57
N SER A 70 -21.00 3.49 -2.42
CA SER A 70 -20.70 4.39 -3.50
C SER A 70 -19.57 5.27 -3.04
N LEU A 71 -18.48 5.30 -3.81
CA LEU A 71 -17.31 6.07 -3.44
C LEU A 71 -17.03 7.12 -4.48
N THR A 72 -16.53 8.27 -4.03
CA THR A 72 -16.12 9.33 -4.94
C THR A 72 -14.74 8.97 -5.56
N ALA A 73 -14.24 9.79 -6.50
CA ALA A 73 -12.93 9.57 -7.11
C ALA A 73 -11.84 9.61 -6.01
N CYS A 74 -11.97 10.55 -5.05
N CYS A 74 -11.97 10.55 -5.06
CA CYS A 74 -11.01 10.70 -3.95
CA CYS A 74 -11.02 10.72 -3.95
C CYS A 74 -11.08 9.53 -2.99
C CYS A 74 -11.08 9.54 -2.99
N GLN A 75 -12.29 9.03 -2.68
CA GLN A 75 -12.44 7.90 -1.77
C GLN A 75 -11.89 6.62 -2.35
N LEU A 76 -12.06 6.40 -3.67
CA LEU A 76 -11.52 5.24 -4.35
C LEU A 76 -10.00 5.28 -4.28
N ARG A 77 -9.39 6.45 -4.48
CA ARG A 77 -7.94 6.60 -4.35
C ARG A 77 -7.45 6.21 -2.92
N THR A 78 -8.20 6.62 -1.89
CA THR A 78 -7.89 6.33 -0.50
C THR A 78 -7.94 4.83 -0.23
N ILE A 79 -9.00 4.12 -0.68
CA ILE A 79 -9.06 2.67 -0.44
C ILE A 79 -7.94 1.95 -1.18
N TYR A 80 -7.60 2.41 -2.39
CA TYR A 80 -6.53 1.77 -3.16
C TYR A 80 -5.16 2.02 -2.57
N ILE A 81 -4.97 3.15 -1.86
CA ILE A 81 -3.71 3.40 -1.17
C ILE A 81 -3.60 2.40 0.00
N CYS A 82 -4.70 2.21 0.75
CA CYS A 82 -4.71 1.24 1.85
C CYS A 82 -4.45 -0.17 1.34
N GLN A 83 -5.07 -0.55 0.19
CA GLN A 83 -4.88 -1.87 -0.42
C GLN A 83 -3.44 -2.06 -0.85
N PHE A 84 -2.84 -1.02 -1.44
CA PHE A 84 -1.47 -1.00 -1.89
C PHE A 84 -0.51 -1.19 -0.71
N LEU A 85 -0.63 -0.35 0.34
CA LEU A 85 0.24 -0.51 1.51
C LEU A 85 0.11 -1.89 2.18
N THR A 86 -1.07 -2.48 2.16
CA THR A 86 -1.33 -3.80 2.73
C THR A 86 -0.56 -4.89 2.00
N ARG A 87 -0.52 -4.83 0.66
CA ARG A 87 0.24 -5.77 -0.15
C ARG A 87 1.72 -5.56 0.02
N ILE A 88 2.18 -4.29 0.11
CA ILE A 88 3.60 -4.00 0.29
C ILE A 88 4.06 -4.57 1.63
N ALA A 89 3.25 -4.39 2.69
CA ALA A 89 3.52 -4.89 4.04
C ALA A 89 3.62 -6.41 4.08
N ALA A 90 2.82 -7.09 3.27
CA ALA A 90 2.86 -8.56 3.20
C ALA A 90 3.87 -9.10 2.15
N GLY A 91 4.66 -8.21 1.56
CA GLY A 91 5.64 -8.50 0.52
C GLY A 91 6.54 -9.68 0.76
N LYS A 92 7.11 -9.81 1.96
CA LYS A 92 8.02 -10.94 2.25
C LYS A 92 7.32 -12.19 2.81
N THR A 93 5.98 -12.14 2.98
CA THR A 93 5.19 -13.26 3.48
C THR A 93 4.90 -14.22 2.33
CA GLU A 99 -3.81 -17.14 -0.76
C GLU A 99 -5.31 -16.99 -0.49
N ASN A 100 -5.86 -15.79 -0.73
CA ASN A 100 -7.32 -15.55 -0.51
C ASN A 100 -7.94 -15.01 -1.79
N ASP A 101 -8.10 -15.86 -2.81
CA ASP A 101 -8.73 -15.44 -4.09
C ASP A 101 -7.66 -14.91 -5.05
N GLU A 102 -6.39 -14.99 -4.65
CA GLU A 102 -5.29 -14.46 -5.49
C GLU A 102 -4.25 -15.56 -5.75
N ARG A 103 -3.90 -15.79 -7.02
CA ARG A 103 -2.87 -16.81 -7.38
C ARG A 103 -1.54 -16.10 -7.64
N ILE A 104 -1.46 -14.81 -7.34
CA ILE A 104 -0.21 -14.02 -7.57
C ILE A 104 0.41 -13.70 -6.19
N THR A 105 1.64 -13.20 -6.18
CA THR A 105 2.32 -12.88 -4.91
C THR A 105 1.89 -11.51 -4.44
N PRO A 106 1.99 -11.19 -3.14
CA PRO A 106 1.60 -9.86 -2.60
C PRO A 106 2.20 -8.73 -3.43
N LEU A 107 3.50 -8.80 -3.75
CA LEU A 107 4.15 -7.73 -4.49
C LEU A 107 3.61 -7.62 -5.90
N GLU A 108 3.24 -8.74 -6.55
CA GLU A 108 2.58 -8.71 -7.86
C GLU A 108 1.22 -8.04 -7.76
N SER A 109 0.51 -8.26 -6.66
CA SER A 109 -0.79 -7.68 -6.43
C SER A 109 -0.65 -6.18 -6.16
N ALA A 110 0.39 -5.75 -5.42
CA ALA A 110 0.68 -4.33 -5.19
C ALA A 110 0.96 -3.64 -6.52
N LEU A 111 1.66 -4.31 -7.44
CA LEU A 111 1.98 -3.81 -8.77
C LEU A 111 0.72 -3.56 -9.60
N MET A 112 -0.32 -4.40 -9.43
CA MET A 112 -1.58 -4.19 -10.14
C MET A 112 -2.35 -3.00 -9.56
N ILE A 113 -2.29 -2.80 -8.24
CA ILE A 113 -2.97 -1.67 -7.62
C ILE A 113 -2.27 -0.39 -8.04
N TRP A 114 -0.92 -0.38 -7.97
CA TRP A 114 -0.09 0.76 -8.33
C TRP A 114 -0.32 1.29 -9.74
N GLY A 115 -0.44 0.40 -10.70
CA GLY A 115 -0.62 0.78 -12.09
C GLY A 115 -2.03 1.24 -12.46
N SER A 116 -2.98 1.11 -11.52
CA SER A 116 -4.35 1.50 -11.80
C SER A 116 -4.90 2.55 -10.84
N ILE A 117 -4.07 3.12 -9.94
CA ILE A 117 -4.53 4.22 -9.08
C ILE A 117 -4.70 5.44 -10.01
N GLU A 118 -5.72 6.29 -9.79
CA GLU A 118 -5.87 7.49 -10.62
C GLU A 118 -4.84 8.50 -10.12
N LYS A 119 -3.62 8.42 -10.69
CA LYS A 119 -2.47 9.24 -10.30
C LYS A 119 -1.45 9.39 -11.45
N GLU A 120 -0.78 10.55 -11.52
CA GLU A 120 0.21 10.85 -12.54
C GLU A 120 1.34 9.81 -12.54
N HIS A 121 1.74 9.39 -13.75
CA HIS A 121 2.86 8.46 -13.89
C HIS A 121 4.11 9.29 -14.15
N ASP A 122 4.59 9.91 -13.06
CA ASP A 122 5.77 10.74 -13.00
C ASP A 122 7.05 9.84 -12.81
N LYS A 123 8.23 10.45 -12.56
CA LYS A 123 9.45 9.66 -12.35
C LYS A 123 9.32 8.82 -11.09
N LEU A 124 8.75 9.39 -10.02
CA LEU A 124 8.56 8.69 -8.75
C LEU A 124 7.68 7.47 -8.90
N HIS A 125 6.63 7.54 -9.74
CA HIS A 125 5.71 6.43 -9.98
C HIS A 125 6.44 5.28 -10.67
N GLU A 126 7.17 5.60 -11.73
CA GLU A 126 7.94 4.63 -12.49
C GLU A 126 9.07 4.02 -11.65
N GLU A 127 9.66 4.81 -10.73
CA GLU A 127 10.71 4.33 -9.83
C GLU A 127 10.15 3.26 -8.93
N ILE A 128 9.00 3.53 -8.31
CA ILE A 128 8.34 2.59 -7.42
C ILE A 128 7.87 1.35 -8.17
N GLN A 129 7.26 1.52 -9.36
CA GLN A 129 6.81 0.40 -10.19
C GLN A 129 7.96 -0.59 -10.49
N ASN A 130 9.11 -0.09 -10.98
CA ASN A 130 10.24 -0.93 -11.33
C ASN A 130 10.90 -1.56 -10.14
N LEU A 131 10.92 -0.87 -9.00
CA LEU A 131 11.48 -1.46 -7.79
C LEU A 131 10.62 -2.61 -7.32
N ILE A 132 9.28 -2.47 -7.42
CA ILE A 132 8.36 -3.53 -7.03
C ILE A 132 8.49 -4.73 -7.96
N LYS A 133 8.59 -4.49 -9.29
CA LYS A 133 8.72 -5.56 -10.28
C LYS A 133 9.93 -6.46 -9.97
N ILE A 134 11.08 -5.86 -9.64
CA ILE A 134 12.29 -6.62 -9.35
C ILE A 134 12.22 -7.28 -7.99
N GLN A 135 11.70 -6.57 -6.98
CA GLN A 135 11.57 -7.14 -5.66
C GLN A 135 10.56 -8.28 -5.59
N ALA A 136 9.55 -8.32 -6.48
CA ALA A 136 8.60 -9.45 -6.54
C ALA A 136 9.35 -10.76 -6.85
N ILE A 137 10.41 -10.68 -7.67
CA ILE A 137 11.25 -11.83 -7.94
C ILE A 137 12.22 -12.05 -6.77
N ALA A 138 12.95 -11.02 -6.34
CA ALA A 138 13.97 -11.14 -5.31
C ALA A 138 13.45 -11.63 -3.95
N VAL A 139 12.22 -11.30 -3.53
CA VAL A 139 11.74 -11.81 -2.23
C VAL A 139 11.55 -13.32 -2.26
N CYS A 140 11.20 -13.91 -3.44
CA CYS A 140 11.07 -15.36 -3.60
C CYS A 140 12.44 -16.02 -3.49
N MET A 141 13.49 -15.39 -4.04
CA MET A 141 14.84 -15.90 -3.99
C MET A 141 15.36 -15.86 -2.56
N GLU A 142 15.06 -14.76 -1.84
CA GLU A 142 15.44 -14.61 -0.43
C GLU A 142 14.78 -15.72 0.41
N ASN A 143 13.50 -16.02 0.14
CA ASN A 143 12.78 -17.08 0.85
C ASN A 143 13.12 -18.51 0.38
N GLY A 144 14.02 -18.65 -0.60
CA GLY A 144 14.48 -19.94 -1.09
C GLY A 144 13.59 -20.65 -2.09
N ASN A 145 12.60 -19.96 -2.64
N ASN A 145 12.57 -19.98 -2.65
CA ASN A 145 11.66 -20.50 -3.61
CA ASN A 145 11.69 -20.60 -3.63
C ASN A 145 12.00 -20.00 -5.01
C ASN A 145 11.99 -20.05 -5.01
N PHE A 146 12.97 -20.65 -5.66
CA PHE A 146 13.43 -20.22 -6.97
C PHE A 146 12.51 -20.64 -8.11
N LYS A 147 11.69 -21.70 -7.91
CA LYS A 147 10.69 -22.06 -8.89
C LYS A 147 9.59 -20.95 -8.88
N GLU A 148 9.25 -20.43 -7.69
CA GLU A 148 8.27 -19.35 -7.59
C GLU A 148 8.80 -18.08 -8.18
N ALA A 149 10.09 -17.77 -7.95
CA ALA A 149 10.76 -16.58 -8.51
C ALA A 149 10.69 -16.60 -10.03
N GLU A 150 10.83 -17.79 -10.63
CA GLU A 150 10.76 -17.98 -12.07
C GLU A 150 9.31 -17.80 -12.57
N GLU A 151 8.33 -18.27 -11.79
CA GLU A 151 6.91 -18.15 -12.12
C GLU A 151 6.46 -16.68 -12.03
N VAL A 152 7.01 -15.91 -11.09
CA VAL A 152 6.74 -14.49 -10.92
C VAL A 152 7.36 -13.73 -12.09
N PHE A 153 8.60 -14.07 -12.47
CA PHE A 153 9.28 -13.41 -13.58
C PHE A 153 8.47 -13.60 -14.87
N GLU A 154 7.91 -14.80 -15.08
CA GLU A 154 7.14 -15.10 -16.26
C GLU A 154 5.83 -14.31 -16.31
N ARG A 155 5.19 -14.08 -15.16
CA ARG A 155 3.94 -13.33 -15.10
C ARG A 155 4.17 -11.83 -15.34
N ILE A 156 5.30 -11.28 -14.87
CA ILE A 156 5.62 -9.86 -15.00
C ILE A 156 6.35 -9.51 -16.31
N PHE A 157 7.24 -10.41 -16.78
CA PHE A 157 8.11 -10.18 -17.93
C PHE A 157 7.94 -11.10 -19.14
N GLY A 158 6.81 -11.78 -19.25
CA GLY A 158 6.48 -12.61 -20.41
C GLY A 158 6.61 -11.90 -21.75
N PHE A 166 17.26 -6.44 -20.34
CA PHE A 166 17.45 -6.94 -18.98
C PHE A 166 16.80 -8.31 -18.72
N LYS A 167 15.77 -8.70 -19.50
CA LYS A 167 15.04 -9.96 -19.30
C LYS A 167 15.96 -11.18 -19.31
N SER A 168 16.85 -11.27 -20.31
CA SER A 168 17.76 -12.42 -20.42
C SER A 168 18.71 -12.51 -19.24
N LYS A 169 19.25 -11.36 -18.79
CA LYS A 169 20.16 -11.30 -17.63
C LYS A 169 19.41 -11.68 -16.35
N LEU A 170 18.21 -11.12 -16.12
CA LEU A 170 17.39 -11.38 -14.95
C LEU A 170 16.99 -12.84 -14.84
N LEU A 171 16.71 -13.48 -15.96
CA LEU A 171 16.34 -14.89 -15.99
C LEU A 171 17.56 -15.77 -15.63
N MET A 172 18.76 -15.39 -16.07
CA MET A 172 19.98 -16.13 -15.76
C MET A 172 20.28 -16.06 -14.25
N ILE A 173 20.04 -14.89 -13.63
CA ILE A 173 20.21 -14.66 -12.21
C ILE A 173 19.34 -15.62 -11.39
N ILE A 174 18.03 -15.77 -11.73
CA ILE A 174 17.09 -16.65 -11.02
C ILE A 174 17.55 -18.10 -11.14
N SER A 175 17.94 -18.50 -12.35
CA SER A 175 18.37 -19.85 -12.68
C SER A 175 19.64 -20.23 -11.91
N GLN A 176 20.60 -19.30 -11.82
CA GLN A 176 21.83 -19.54 -11.09
C GLN A 176 21.72 -19.27 -9.58
N LYS A 177 20.54 -18.83 -9.08
CA LYS A 177 20.35 -18.48 -7.69
C LYS A 177 21.35 -17.39 -7.25
N ASP A 178 21.58 -16.43 -8.15
CA ASP A 178 22.49 -15.30 -7.94
C ASP A 178 21.74 -14.19 -7.17
N THR A 179 21.30 -14.50 -5.94
CA THR A 179 20.51 -13.60 -5.11
C THR A 179 21.22 -12.30 -4.77
N PHE A 180 22.57 -12.34 -4.66
CA PHE A 180 23.33 -11.17 -4.28
C PHE A 180 24.04 -10.48 -5.44
N HIS A 181 23.57 -10.65 -6.68
CA HIS A 181 24.08 -9.94 -7.86
C HIS A 181 23.92 -8.41 -7.64
N SER A 182 24.87 -7.59 -8.14
CA SER A 182 24.85 -6.13 -7.97
C SER A 182 23.62 -5.43 -8.55
N PHE A 183 22.83 -6.12 -9.39
CA PHE A 183 21.58 -5.57 -9.93
C PHE A 183 20.60 -5.36 -8.78
N PHE A 184 20.57 -6.31 -7.83
CA PHE A 184 19.76 -6.25 -6.62
C PHE A 184 20.34 -5.28 -5.56
N GLN A 185 21.52 -4.71 -5.78
CA GLN A 185 22.08 -3.72 -4.88
C GLN A 185 21.35 -2.42 -5.14
N HIS A 186 21.20 -2.04 -6.42
CA HIS A 186 20.50 -0.84 -6.81
C HIS A 186 18.98 -1.07 -6.67
N PHE A 187 18.49 -2.25 -7.04
CA PHE A 187 17.06 -2.55 -6.97
C PHE A 187 16.75 -3.40 -5.74
N SER A 188 17.14 -2.89 -4.58
CA SER A 188 16.98 -3.61 -3.32
C SER A 188 15.62 -3.41 -2.64
N TYR A 189 15.36 -4.22 -1.62
CA TYR A 189 14.17 -4.17 -0.84
C TYR A 189 14.14 -2.85 -0.06
N ASN A 190 15.28 -2.47 0.54
CA ASN A 190 15.40 -1.24 1.32
C ASN A 190 15.12 -0.03 0.43
N HIS A 191 15.65 -0.02 -0.81
CA HIS A 191 15.38 1.05 -1.77
C HIS A 191 13.91 1.13 -2.16
N MET A 192 13.26 -0.02 -2.32
CA MET A 192 11.83 -0.09 -2.63
C MET A 192 11.04 0.52 -1.47
N MET A 193 11.35 0.11 -0.23
CA MET A 193 10.68 0.66 0.94
C MET A 193 10.93 2.17 1.08
N GLU A 194 12.16 2.66 0.82
CA GLU A 194 12.48 4.09 0.91
C GLU A 194 11.68 4.93 -0.07
N LYS A 195 11.56 4.49 -1.33
CA LYS A 195 10.80 5.21 -2.33
C LYS A 195 9.31 5.16 -2.00
N ILE A 196 8.81 4.02 -1.50
CA ILE A 196 7.40 3.90 -1.13
C ILE A 196 7.09 4.80 0.06
N LYS A 197 8.00 4.88 1.04
CA LYS A 197 7.87 5.74 2.20
C LYS A 197 7.83 7.21 1.84
N SER A 198 8.56 7.62 0.78
N SER A 198 8.56 7.61 0.78
CA SER A 198 8.53 9.01 0.33
CA SER A 198 8.55 8.99 0.30
C SER A 198 7.13 9.32 -0.25
C SER A 198 7.16 9.32 -0.27
N TYR A 199 6.55 8.37 -0.99
CA TYR A 199 5.20 8.52 -1.54
C TYR A 199 4.21 8.60 -0.36
N VAL A 200 4.38 7.74 0.66
CA VAL A 200 3.54 7.73 1.85
C VAL A 200 3.57 9.09 2.54
N ASN A 201 4.75 9.75 2.61
CA ASN A 201 4.90 11.09 3.18
C ASN A 201 4.07 12.12 2.43
N TYR A 202 3.90 11.97 1.11
CA TYR A 202 3.07 12.91 0.34
C TYR A 202 1.60 12.68 0.70
N VAL A 203 1.19 11.42 0.82
CA VAL A 203 -0.17 11.08 1.22
C VAL A 203 -0.45 11.59 2.64
N LEU A 204 0.51 11.45 3.56
CA LEU A 204 0.37 11.93 4.93
C LEU A 204 0.18 13.45 4.95
N SER A 205 0.92 14.15 4.09
CA SER A 205 0.86 15.59 3.95
C SER A 205 -0.50 16.03 3.39
N GLU A 206 -0.97 15.35 2.33
CA GLU A 206 -2.23 15.68 1.68
C GLU A 206 -3.45 15.44 2.59
N LYS A 207 -3.39 14.41 3.44
CA LYS A 207 -4.50 14.08 4.32
C LYS A 207 -4.43 14.61 5.74
N SER A 208 -3.36 15.34 6.08
N SER A 208 -3.36 15.34 6.09
CA SER A 208 -3.19 15.91 7.42
CA SER A 208 -3.23 15.87 7.45
C SER A 208 -4.33 16.85 7.82
C SER A 208 -4.27 16.94 7.82
N SER A 209 -4.99 17.47 6.82
CA SER A 209 -6.07 18.44 7.05
C SER A 209 -7.47 17.80 7.12
N THR A 210 -7.58 16.46 6.98
CA THR A 210 -8.89 15.81 7.02
C THR A 210 -9.56 16.01 8.38
N PHE A 211 -10.90 16.14 8.37
CA PHE A 211 -11.73 16.43 9.54
C PHE A 211 -11.42 15.63 10.80
N LEU A 212 -11.45 14.30 10.76
CA LEU A 212 -11.28 13.51 11.97
C LEU A 212 -9.94 13.73 12.69
N MET A 213 -8.81 13.61 11.98
CA MET A 213 -7.50 13.81 12.62
C MET A 213 -7.31 15.22 13.14
N LYS A 214 -7.75 16.22 12.38
CA LYS A 214 -7.64 17.62 12.78
C LYS A 214 -8.40 17.87 14.08
N ALA A 215 -9.61 17.34 14.21
CA ALA A 215 -10.42 17.53 15.42
C ALA A 215 -9.81 16.80 16.61
N ALA A 216 -9.28 15.59 16.37
CA ALA A 216 -8.64 14.79 17.41
C ALA A 216 -7.39 15.48 17.95
N ALA A 217 -6.58 16.09 17.06
CA ALA A 217 -5.37 16.78 17.45
C ALA A 217 -5.69 17.98 18.33
N LYS A 218 -6.75 18.74 18.00
CA LYS A 218 -7.17 19.90 18.79
C LYS A 218 -7.52 19.52 20.24
N VAL A 219 -8.06 18.31 20.45
CA VAL A 219 -8.38 17.84 21.79
C VAL A 219 -7.09 17.56 22.55
N VAL A 220 -6.12 16.91 21.90
CA VAL A 220 -4.81 16.60 22.47
C VAL A 220 -4.04 17.89 22.86
N GLU A 221 -4.01 18.89 21.94
CA GLU A 221 -3.32 20.17 22.19
C GLU A 221 -3.97 20.94 23.35
N SER A 222 -5.30 20.81 23.53
N SER A 222 -5.30 20.80 23.52
CA SER A 222 -6.01 21.49 24.60
CA SER A 222 -6.03 21.47 24.60
C SER A 222 -5.66 20.91 25.98
C SER A 222 -5.69 20.91 25.98
N LYS A 223 -5.33 19.61 26.05
CA LYS A 223 -4.95 18.97 27.30
C LYS A 223 -3.51 19.35 27.71
N ARG A 224 -2.63 19.53 26.72
CA ARG A 224 -1.22 19.90 26.93
C1 GOL B . 4.17 -2.44 8.13
O1 GOL B . 3.99 -1.66 9.30
C2 GOL B . 5.64 -2.65 7.86
O2 GOL B . 6.26 -3.23 9.01
C3 GOL B . 5.90 -3.49 6.63
O3 GOL B . 7.29 -3.66 6.38
N1 A1IV7 C . -8.63 -8.63 -0.43
C4 A1IV7 C . -8.80 -6.19 -0.84
C5 A1IV7 C . -8.08 -7.49 -1.18
C6 A1IV7 C . -10.35 -4.05 0.83
C7 A1IV7 C . -10.42 -2.85 1.47
C8 A1IV7 C . -9.20 -2.69 2.21
C10 A1IV7 C . -7.44 -1.85 3.57
C13 A1IV7 C . -8.44 -3.84 1.97
C1 A1IV7 C . -8.65 -8.44 1.03
C2 A1IV7 C . -9.38 -7.16 1.41
C3 A1IV7 C . -8.76 -5.99 0.67
N2 A1IV7 C . -9.16 -4.67 1.15
C9 A1IV7 C . -8.67 -1.67 3.00
C11 A1IV7 C . -6.69 -2.99 3.32
C12 A1IV7 C . -7.17 -4.00 2.52
S DMS D . 6.84 -14.98 -0.82
O DMS D . 6.68 -13.92 -1.87
C1 DMS D . 5.42 -16.08 -0.94
C2 DMS D . 8.05 -16.19 -1.43
S DMS E . 14.06 -2.16 -15.35
O DMS E . 13.17 -2.81 -14.33
C1 DMS E . 14.53 -0.51 -14.73
C2 DMS E . 15.71 -2.90 -15.22
S DMS F . 2.05 -6.62 8.21
O DMS F . 3.49 -6.48 8.58
C1 DMS F . 1.85 -8.19 7.34
C2 DMS F . 1.10 -7.08 9.70
S DMS G . -3.13 0.59 20.74
O DMS G . -1.79 0.19 21.28
C1 DMS G . -4.29 -0.72 21.22
C2 DMS G . -3.81 1.86 21.85
#